data_4NOH
#
_entry.id   4NOH
#
_cell.length_a   40.927
_cell.length_b   74.267
_cell.length_c   47.382
_cell.angle_alpha   90.00
_cell.angle_beta   91.90
_cell.angle_gamma   90.00
#
_symmetry.space_group_name_H-M   'P 1 21 1'
#
loop_
_entity.id
_entity.type
_entity.pdbx_description
1 polymer 'Lipoprotein, putative'
2 non-polymer 'CHLORIDE ION'
3 water water
#
_entity_poly.entity_id   1
_entity_poly.type   'polypeptide(L)'
_entity_poly.pdbx_seq_one_letter_code
;SNATGIV(MSE)YGDETGVQQT(MSE)DQYKDKIESQNKFEAKLGTVNEKKVLI(MSE)NKTTAEK(MSE)VKEN(MSE)
LKKVVKEDVEPIKALPAISDEAGIVFAKEEQKDVVIDGKK(MSE)KYEGNVVIGDARKYTD(MSE)YAVVSDAEYAKISE
PVKTIGLASFKENPKEKIFPDIKRGSKVEEAH(MSE)VEVK
;
_entity_poly.pdbx_strand_id   A,B
#
# COMPACT_ATOMS: atom_id res chain seq x y z
N ALA A 3 4.84 22.27 14.11
CA ALA A 3 5.06 21.65 12.77
C ALA A 3 3.91 21.99 11.81
N THR A 4 4.26 22.31 10.57
CA THR A 4 3.25 22.65 9.57
C THR A 4 3.42 21.79 8.33
N GLY A 5 4.33 20.82 8.37
CA GLY A 5 4.50 19.94 7.26
C GLY A 5 3.88 18.58 7.48
N ILE A 6 3.47 17.96 6.39
CA ILE A 6 3.03 16.57 6.41
C ILE A 6 3.82 15.80 5.34
N VAL A 7 4.46 14.73 5.76
CA VAL A 7 5.11 13.80 4.84
C VAL A 7 4.15 12.64 4.66
N TYR A 9 3.19 8.99 2.14
CA TYR A 9 3.78 7.93 1.37
C TYR A 9 2.72 7.13 0.71
N GLY A 10 2.95 6.74 -0.53
CA GLY A 10 1.93 5.89 -1.18
C GLY A 10 2.10 5.89 -2.67
N ASP A 11 1.06 5.47 -3.36
CA ASP A 11 1.11 5.56 -4.80
C ASP A 11 1.06 7.01 -5.22
N GLU A 12 1.72 7.33 -6.33
CA GLU A 12 1.69 8.69 -6.84
C GLU A 12 0.28 9.23 -6.91
N THR A 13 -0.69 8.41 -7.37
CA THR A 13 -2.02 8.95 -7.55
C THR A 13 -2.67 9.32 -6.22
N GLY A 14 -2.43 8.53 -5.19
CA GLY A 14 -3.00 8.84 -3.89
C GLY A 14 -2.39 10.08 -3.28
N VAL A 15 -1.07 10.22 -3.43
CA VAL A 15 -0.36 11.39 -2.92
C VAL A 15 -0.87 12.61 -3.67
N GLN A 16 -0.93 12.52 -4.98
CA GLN A 16 -1.41 13.64 -5.79
C GLN A 16 -2.85 14.02 -5.45
N GLN A 17 -3.72 13.04 -5.28
CA GLN A 17 -5.10 13.33 -4.93
C GLN A 17 -5.20 14.07 -3.60
N THR A 18 -4.29 13.74 -2.69
CA THR A 18 -4.30 14.37 -1.38
C THR A 18 -3.83 15.82 -1.52
N ASP A 20 -4.07 17.61 -4.15
CA ASP A 20 -5.16 18.28 -4.85
C ASP A 20 -6.29 18.67 -3.90
N GLN A 21 -6.65 17.77 -3.00
CA GLN A 21 -7.73 18.03 -2.07
C GLN A 21 -7.48 19.26 -1.20
N TYR A 22 -6.23 19.44 -0.82
CA TYR A 22 -5.85 20.53 0.08
C TYR A 22 -5.00 21.61 -0.58
N LYS A 23 -5.12 21.73 -1.89
N LYS A 23 -5.04 21.72 -1.90
CA LYS A 23 -4.26 22.64 -2.66
CA LYS A 23 -4.15 22.68 -2.56
C LYS A 23 -4.28 24.10 -2.20
C LYS A 23 -4.36 24.12 -2.08
N ASP A 24 -5.44 24.63 -1.85
N ASP A 24 -5.58 24.44 -1.63
CA ASP A 24 -5.54 26.02 -1.42
CA ASP A 24 -5.89 25.76 -1.11
C ASP A 24 -4.97 26.24 -0.01
C ASP A 24 -5.25 26.02 0.27
N LYS A 25 -4.80 25.15 0.75
N LYS A 25 -4.82 24.96 0.93
CA LYS A 25 -4.23 25.18 2.11
CA LYS A 25 -4.21 25.06 2.25
C LYS A 25 -2.71 24.97 2.16
C LYS A 25 -2.69 24.86 2.22
N ILE A 26 -2.16 24.50 1.05
CA ILE A 26 -0.74 24.17 0.90
C ILE A 26 0.06 25.28 0.27
N GLU A 27 1.18 25.64 0.89
CA GLU A 27 2.03 26.66 0.30
C GLU A 27 3.14 26.09 -0.54
N SER A 28 3.58 24.89 -0.24
CA SER A 28 4.59 24.28 -1.08
C SER A 28 4.50 22.78 -1.02
N GLN A 29 5.02 22.12 -2.03
CA GLN A 29 5.05 20.67 -1.99
C GLN A 29 6.19 20.15 -2.82
N ASN A 30 6.61 18.96 -2.46
CA ASN A 30 7.71 18.27 -3.11
C ASN A 30 7.30 16.82 -3.27
N LYS A 31 7.59 16.24 -4.42
CA LYS A 31 7.36 14.82 -4.65
C LYS A 31 8.68 14.13 -4.97
N PHE A 32 8.93 13.03 -4.29
CA PHE A 32 10.16 12.26 -4.46
C PHE A 32 9.76 10.83 -4.79
N GLU A 33 10.39 10.23 -5.78
CA GLU A 33 10.12 8.86 -6.12
C GLU A 33 11.09 7.94 -5.40
N ALA A 34 10.59 6.78 -4.98
CA ALA A 34 11.44 5.76 -4.40
C ALA A 34 10.85 4.40 -4.74
N LYS A 35 11.59 3.34 -4.44
CA LYS A 35 11.13 1.98 -4.63
C LYS A 35 11.11 1.28 -3.27
N LEU A 36 9.98 0.66 -2.95
CA LEU A 36 9.79 -0.01 -1.66
C LEU A 36 9.98 -1.50 -1.84
N GLY A 37 10.99 -2.04 -1.16
CA GLY A 37 11.29 -3.45 -1.22
C GLY A 37 11.52 -4.03 0.15
N THR A 38 12.00 -5.26 0.18
CA THR A 38 12.37 -5.91 1.44
C THR A 38 13.81 -6.43 1.35
N VAL A 39 14.44 -6.54 2.51
CA VAL A 39 15.77 -7.11 2.62
C VAL A 39 15.81 -7.68 4.03
N ASN A 40 16.00 -9.00 4.14
CA ASN A 40 16.06 -9.67 5.45
C ASN A 40 14.79 -9.50 6.29
N GLU A 41 13.61 -9.71 5.70
CA GLU A 41 12.31 -9.56 6.38
C GLU A 41 12.01 -8.11 6.85
N LYS A 42 12.80 -7.15 6.39
CA LYS A 42 12.61 -5.74 6.74
C LYS A 42 12.31 -4.95 5.50
N LYS A 43 11.56 -3.86 5.65
CA LYS A 43 11.28 -2.97 4.53
C LYS A 43 12.42 -2.01 4.30
N VAL A 44 12.70 -1.75 3.02
CA VAL A 44 13.74 -0.77 2.65
C VAL A 44 13.16 0.15 1.57
N LEU A 45 13.35 1.45 1.77
CA LEU A 45 12.87 2.46 0.84
C LEU A 45 14.11 2.93 0.12
N ILE A 46 14.17 2.67 -1.18
CA ILE A 46 15.35 2.89 -2.01
C ILE A 46 15.16 4.10 -2.93
N ASN A 48 17.32 7.04 -5.60
CA ASN A 48 18.53 7.31 -6.32
C ASN A 48 19.21 8.55 -5.74
N LYS A 49 20.47 8.74 -6.13
CA LYS A 49 21.28 9.85 -5.63
C LYS A 49 20.63 11.20 -5.93
N THR A 50 20.14 11.36 -7.14
CA THR A 50 19.56 12.63 -7.53
C THR A 50 18.39 12.99 -6.61
N THR A 51 17.55 12.01 -6.32
CA THR A 51 16.40 12.22 -5.47
C THR A 51 16.83 12.50 -4.05
N ALA A 52 17.75 11.71 -3.53
CA ALA A 52 18.20 11.91 -2.16
C ALA A 52 18.84 13.29 -1.94
N GLU A 53 19.59 13.76 -2.95
CA GLU A 53 20.17 15.10 -2.88
C GLU A 53 19.07 16.14 -2.76
N LYS A 54 18.00 15.92 -3.52
CA LYS A 54 16.86 16.88 -3.44
C LYS A 54 16.18 16.82 -2.07
N VAL A 56 17.71 16.15 0.73
CA VAL A 56 18.61 16.90 1.63
C VAL A 56 18.37 18.42 1.50
N LYS A 57 18.14 18.90 0.27
CA LYS A 57 17.90 20.33 0.07
C LYS A 57 16.59 20.76 0.73
N GLU A 58 15.66 19.83 0.97
CA GLU A 58 14.42 20.17 1.71
C GLU A 58 14.52 19.84 3.19
N ASN A 59 15.73 19.51 3.65
CA ASN A 59 15.98 19.18 5.06
C ASN A 59 15.11 18.02 5.51
N LEU A 61 15.86 14.56 5.15
CA LEU A 61 16.61 13.42 5.68
C LEU A 61 17.20 13.89 6.98
N LYS A 62 16.82 13.25 8.07
CA LYS A 62 17.21 13.73 9.40
C LYS A 62 17.85 12.67 10.26
N LYS A 63 18.96 13.02 10.88
CA LYS A 63 19.66 12.11 11.77
C LYS A 63 18.91 12.09 13.09
N VAL A 64 18.75 10.90 13.65
CA VAL A 64 18.10 10.77 14.94
C VAL A 64 19.14 11.14 16.02
N VAL A 65 18.76 12.07 16.90
CA VAL A 65 19.65 12.55 17.97
C VAL A 65 18.87 12.55 19.25
N LYS A 66 19.26 11.69 20.19
CA LYS A 66 18.58 11.55 21.47
C LYS A 66 17.13 11.28 21.11
N GLU A 67 16.21 12.12 21.57
CA GLU A 67 14.80 11.91 21.30
C GLU A 67 14.31 12.92 20.28
N ASP A 68 15.21 13.44 19.45
CA ASP A 68 14.83 14.45 18.45
C ASP A 68 15.51 14.12 17.12
N VAL A 69 15.45 15.04 16.17
CA VAL A 69 16.04 14.83 14.85
C VAL A 69 16.75 16.08 14.38
N GLU A 70 17.78 15.90 13.56
N GLU A 70 17.74 15.88 13.53
CA GLU A 70 18.55 17.01 13.01
CA GLU A 70 18.57 16.95 12.98
C GLU A 70 18.81 16.70 11.53
C GLU A 70 18.81 16.67 11.50
N PRO A 71 18.39 17.61 10.63
CA PRO A 71 18.61 17.38 9.21
C PRO A 71 20.07 17.29 8.85
N ILE A 72 20.36 16.29 8.01
CA ILE A 72 21.71 16.16 7.48
C ILE A 72 21.86 17.28 6.48
N LYS A 73 23.10 17.74 6.33
CA LYS A 73 23.42 18.88 5.47
C LYS A 73 24.05 18.47 4.16
N ALA A 74 24.50 17.23 4.09
CA ALA A 74 25.10 16.70 2.88
C ALA A 74 24.74 15.25 2.79
N LEU A 75 24.60 14.76 1.57
CA LEU A 75 24.35 13.35 1.39
C LEU A 75 25.71 12.70 1.34
N PRO A 76 25.89 11.57 2.06
CA PRO A 76 27.18 10.90 1.93
C PRO A 76 27.46 10.49 0.49
N ALA A 77 28.73 10.31 0.17
CA ALA A 77 29.13 9.88 -1.15
C ALA A 77 28.42 8.60 -1.57
N ILE A 78 27.93 8.61 -2.81
CA ILE A 78 27.27 7.48 -3.43
C ILE A 78 27.99 7.19 -4.73
N SER A 79 28.23 5.92 -5.00
CA SER A 79 28.82 5.54 -6.25
C SER A 79 28.28 4.17 -6.60
N ASP A 80 28.41 3.79 -7.85
CA ASP A 80 27.90 2.50 -8.29
C ASP A 80 28.45 1.35 -7.51
N GLU A 81 29.71 1.46 -7.08
CA GLU A 81 30.35 0.41 -6.28
C GLU A 81 30.07 0.53 -4.76
N ALA A 82 29.37 1.59 -4.35
CA ALA A 82 29.13 1.82 -2.96
C ALA A 82 27.86 2.61 -2.69
N GLY A 83 26.71 1.93 -2.73
CA GLY A 83 25.45 2.51 -2.27
C GLY A 83 25.45 2.55 -0.75
N ILE A 84 24.45 3.20 -0.16
CA ILE A 84 24.42 3.36 1.29
C ILE A 84 23.10 2.99 1.87
N VAL A 85 23.13 2.67 3.16
CA VAL A 85 21.89 2.36 3.86
C VAL A 85 21.85 3.05 5.19
N PHE A 86 20.68 3.57 5.52
CA PHE A 86 20.38 4.18 6.80
C PHE A 86 19.44 3.24 7.57
N ALA A 87 19.74 2.96 8.82
CA ALA A 87 18.90 2.11 9.65
C ALA A 87 19.11 2.43 11.13
N LYS A 88 18.21 1.93 11.98
CA LYS A 88 18.28 2.19 13.40
C LYS A 88 19.57 1.69 14.03
N GLU A 89 19.99 0.51 13.60
CA GLU A 89 21.19 -0.16 14.12
C GLU A 89 22.15 -0.38 12.96
N GLU A 90 23.40 -0.69 13.28
CA GLU A 90 24.40 -1.00 12.26
C GLU A 90 23.91 -2.20 11.48
N GLN A 91 23.95 -2.11 10.16
CA GLN A 91 23.53 -3.17 9.25
C GLN A 91 24.56 -3.20 8.15
N LYS A 92 25.44 -4.20 8.14
CA LYS A 92 26.49 -4.27 7.13
C LYS A 92 26.23 -5.34 6.08
N ASP A 93 25.13 -6.08 6.22
CA ASP A 93 24.82 -7.17 5.29
C ASP A 93 23.57 -6.92 4.47
N VAL A 94 23.28 -5.66 4.19
CA VAL A 94 22.11 -5.30 3.41
C VAL A 94 22.52 -5.38 1.95
N VAL A 95 21.92 -6.34 1.23
CA VAL A 95 22.18 -6.54 -0.19
C VAL A 95 20.95 -6.22 -0.99
N ILE A 96 21.11 -5.31 -1.95
CA ILE A 96 20.04 -4.88 -2.81
C ILE A 96 20.49 -5.08 -4.25
N ASP A 97 19.75 -5.92 -4.96
CA ASP A 97 20.04 -6.22 -6.35
C ASP A 97 21.49 -6.73 -6.49
N GLY A 98 21.90 -7.61 -5.57
CA GLY A 98 23.24 -8.18 -5.55
C GLY A 98 24.37 -7.26 -5.08
N LYS A 99 24.03 -6.06 -4.60
CA LYS A 99 25.04 -5.09 -4.16
C LYS A 99 24.94 -4.84 -2.65
N LYS A 100 26.06 -4.91 -1.94
CA LYS A 100 26.10 -4.69 -0.49
C LYS A 100 26.15 -3.17 -0.21
N LYS A 102 26.60 0.23 2.17
CA LYS A 102 27.45 0.72 3.25
C LYS A 102 26.60 1.42 4.31
N TYR A 103 26.77 1.03 5.57
CA TYR A 103 25.98 1.67 6.63
C TYR A 103 26.39 3.11 6.86
N GLU A 104 25.42 4.04 6.88
CA GLU A 104 25.68 5.46 7.09
C GLU A 104 24.89 6.08 8.25
N GLY A 105 24.42 5.27 9.19
CA GLY A 105 23.81 5.83 10.37
C GLY A 105 22.31 5.78 10.45
N ASN A 106 21.81 6.28 11.57
CA ASN A 106 20.39 6.30 11.85
C ASN A 106 19.78 7.61 11.39
N VAL A 107 19.40 7.63 10.12
CA VAL A 107 18.78 8.78 9.47
C VAL A 107 17.40 8.33 8.98
N VAL A 108 16.41 9.19 9.15
CA VAL A 108 15.05 8.90 8.76
C VAL A 108 14.53 10.00 7.84
N ILE A 109 13.41 9.73 7.18
CA ILE A 109 12.71 10.76 6.41
C ILE A 109 11.73 11.45 7.39
N GLY A 110 11.77 12.77 7.44
CA GLY A 110 10.90 13.48 8.37
C GLY A 110 11.35 13.33 9.80
N ASP A 111 10.40 13.31 10.73
CA ASP A 111 10.74 13.37 12.15
C ASP A 111 10.64 12.08 12.93
N ALA A 112 10.31 11.01 12.22
CA ALA A 112 10.17 9.70 12.81
C ALA A 112 10.31 8.67 11.70
N ARG A 113 10.63 7.44 12.07
CA ARG A 113 10.73 6.35 11.13
C ARG A 113 9.33 5.90 10.74
N LYS A 114 8.93 6.19 9.53
CA LYS A 114 7.60 5.84 9.04
C LYS A 114 7.74 5.16 7.68
N TYR A 115 6.79 4.25 7.41
CA TYR A 115 6.65 3.58 6.10
C TYR A 115 7.66 2.48 5.77
N THR A 116 8.79 2.49 6.45
CA THR A 116 9.84 1.54 6.17
C THR A 116 10.67 1.30 7.42
N ASP A 117 11.56 0.31 7.37
CA ASP A 117 12.51 0.09 8.42
C ASP A 117 13.86 0.76 8.11
N TYR A 119 16.41 2.80 4.85
CA TYR A 119 16.40 3.69 3.69
C TYR A 119 17.71 3.46 2.96
N ALA A 120 17.66 3.31 1.66
CA ALA A 120 18.90 3.08 0.89
C ALA A 120 19.01 4.10 -0.22
N VAL A 121 20.24 4.51 -0.53
CA VAL A 121 20.47 5.43 -1.63
C VAL A 121 21.51 4.79 -2.50
N VAL A 122 21.18 4.68 -3.79
CA VAL A 122 22.07 4.10 -4.79
C VAL A 122 22.25 5.05 -5.97
N SER A 123 23.25 4.79 -6.81
CA SER A 123 23.46 5.67 -7.94
C SER A 123 22.23 5.64 -8.86
N ASP A 124 22.06 6.68 -9.66
CA ASP A 124 20.96 6.75 -10.57
C ASP A 124 20.97 5.53 -11.51
N ALA A 125 22.15 5.11 -11.96
CA ALA A 125 22.24 3.96 -12.87
C ALA A 125 21.84 2.67 -12.16
N GLU A 126 22.25 2.52 -10.91
CA GLU A 126 21.91 1.34 -10.14
C GLU A 126 20.41 1.26 -9.86
N TYR A 127 19.83 2.41 -9.59
CA TYR A 127 18.40 2.50 -9.27
C TYR A 127 17.54 2.07 -10.45
N ALA A 128 18.01 2.39 -11.65
CA ALA A 128 17.29 2.10 -12.87
C ALA A 128 17.07 0.61 -13.05
N LYS A 129 17.95 -0.18 -12.46
CA LYS A 129 17.91 -1.64 -12.60
C LYS A 129 17.07 -2.34 -11.55
N ILE A 130 16.60 -1.59 -10.55
CA ILE A 130 15.82 -2.20 -9.45
C ILE A 130 14.37 -2.38 -9.89
N SER A 131 13.83 -3.59 -9.79
CA SER A 131 12.50 -3.87 -10.29
C SER A 131 11.31 -3.58 -9.36
N GLU A 132 11.60 -3.30 -8.07
CA GLU A 132 10.62 -3.04 -7.01
C GLU A 132 9.62 -1.94 -7.34
N PRO A 133 8.42 -2.03 -6.71
CA PRO A 133 7.37 -1.08 -6.99
C PRO A 133 7.76 0.34 -6.61
N VAL A 134 7.43 1.28 -7.50
CA VAL A 134 7.69 2.67 -7.27
C VAL A 134 6.59 3.27 -6.38
N LYS A 135 7.02 4.12 -5.46
CA LYS A 135 6.14 4.78 -4.53
C LYS A 135 6.56 6.23 -4.53
N THR A 136 5.66 7.09 -4.08
CA THR A 136 5.92 8.51 -3.97
C THR A 136 5.97 8.94 -2.50
N ILE A 137 6.98 9.74 -2.18
CA ILE A 137 7.10 10.38 -0.91
C ILE A 137 6.79 11.82 -1.17
N GLY A 138 5.72 12.30 -0.54
CA GLY A 138 5.31 13.67 -0.72
C GLY A 138 5.46 14.49 0.53
N LEU A 139 5.96 15.71 0.39
CA LEU A 139 6.05 16.65 1.46
C LEU A 139 5.11 17.79 1.12
N ALA A 140 4.17 18.09 1.98
CA ALA A 140 3.28 19.24 1.82
C ALA A 140 3.50 20.20 2.99
N SER A 141 3.83 21.44 2.69
N SER A 141 3.87 21.45 2.69
CA SER A 141 4.04 22.46 3.71
CA SER A 141 4.00 22.47 3.71
C SER A 141 2.78 23.32 3.72
C SER A 141 2.71 23.25 3.70
N PHE A 142 2.06 23.34 4.85
CA PHE A 142 0.80 24.04 4.94
C PHE A 142 0.96 25.49 5.39
N LYS A 143 0.08 26.34 4.89
CA LYS A 143 0.09 27.74 5.26
C LYS A 143 -0.09 27.91 6.75
N GLU A 144 -0.95 27.07 7.32
CA GLU A 144 -1.23 27.11 8.74
C GLU A 144 -1.28 25.71 9.32
N ASN A 145 -1.07 25.63 10.63
CA ASN A 145 -1.15 24.39 11.39
C ASN A 145 -2.24 23.44 10.88
N PRO A 146 -1.85 22.30 10.29
CA PRO A 146 -2.83 21.31 9.78
C PRO A 146 -3.03 20.12 10.73
N LYS A 147 -2.52 20.23 11.95
CA LYS A 147 -2.52 19.07 12.86
C LYS A 147 -3.88 18.64 13.39
N GLU A 148 -4.82 19.57 13.55
CA GLU A 148 -6.06 19.22 14.25
C GLU A 148 -7.19 18.61 13.43
N LYS A 149 -7.21 18.85 12.12
CA LYS A 149 -8.26 18.32 11.29
C LYS A 149 -7.73 17.69 10.00
N ILE A 150 -6.87 18.41 9.27
CA ILE A 150 -6.35 17.91 7.99
C ILE A 150 -5.53 16.63 8.18
N PHE A 151 -4.60 16.68 9.10
CA PHE A 151 -3.75 15.53 9.34
C PHE A 151 -4.55 14.25 9.72
N PRO A 152 -5.48 14.36 10.69
CA PRO A 152 -6.22 13.13 10.99
C PRO A 152 -7.10 12.64 9.83
N ASP A 153 -7.58 13.56 9.00
CA ASP A 153 -8.40 13.17 7.85
C ASP A 153 -7.54 12.41 6.84
N ILE A 154 -6.29 12.86 6.66
CA ILE A 154 -5.36 12.15 5.77
C ILE A 154 -5.06 10.75 6.31
N LYS A 155 -4.85 10.67 7.62
CA LYS A 155 -4.62 9.37 8.27
C LYS A 155 -5.82 8.44 8.20
N ARG A 156 -7.03 8.96 8.34
CA ARG A 156 -8.25 8.12 8.28
C ARG A 156 -8.59 7.70 6.86
N GLY A 157 -8.14 8.49 5.90
CA GLY A 157 -8.39 8.26 4.52
C GLY A 157 -7.66 7.08 3.92
N SER A 158 -7.99 6.80 2.67
CA SER A 158 -7.44 5.67 1.95
C SER A 158 -6.62 6.08 0.74
N LYS A 159 -6.22 7.35 0.67
CA LYS A 159 -5.45 7.82 -0.50
C LYS A 159 -3.98 7.54 -0.32
N VAL A 160 -3.46 7.81 0.87
CA VAL A 160 -2.06 7.51 1.13
C VAL A 160 -1.95 6.41 2.18
N GLU A 161 -0.82 5.70 2.11
N GLU A 161 -0.84 5.71 2.18
CA GLU A 161 -0.50 4.55 2.98
CA GLU A 161 -0.69 4.63 3.13
C GLU A 161 -0.02 4.93 4.38
C GLU A 161 -0.20 5.06 4.47
N GLU A 162 0.61 6.11 4.49
CA GLU A 162 1.16 6.58 5.74
C GLU A 162 1.39 8.07 5.65
N ALA A 163 1.35 8.75 6.79
CA ALA A 163 1.56 10.17 6.86
C ALA A 163 1.98 10.55 8.26
N HIS A 164 2.81 11.60 8.36
CA HIS A 164 3.24 12.09 9.66
C HIS A 164 3.54 13.58 9.60
N VAL A 166 5.69 16.85 10.35
CA VAL A 166 7.10 17.14 10.36
C VAL A 166 7.38 18.62 10.44
N GLU A 167 8.54 18.97 11.00
N GLU A 167 8.53 18.96 11.00
CA GLU A 167 8.96 20.36 11.02
CA GLU A 167 9.00 20.33 11.02
C GLU A 167 9.67 20.65 9.70
C GLU A 167 9.60 20.59 9.64
N VAL A 168 9.24 21.69 9.01
CA VAL A 168 9.82 22.00 7.72
C VAL A 168 11.04 22.90 7.87
N LYS A 169 11.86 22.92 6.82
CA LYS A 169 13.11 23.69 6.82
C LYS A 169 12.93 25.16 7.24
N ALA B 3 -10.30 -23.96 8.35
CA ALA B 3 -9.66 -22.86 7.57
C ALA B 3 -8.15 -22.94 7.67
N THR B 4 -7.49 -22.96 6.52
CA THR B 4 -6.03 -23.07 6.51
C THR B 4 -5.40 -22.02 5.63
N GLY B 5 -6.25 -21.10 5.14
CA GLY B 5 -5.76 -20.01 4.37
C GLY B 5 -5.91 -18.73 5.13
N ILE B 6 -5.09 -17.76 4.74
CA ILE B 6 -5.20 -16.41 5.28
C ILE B 6 -5.26 -15.46 4.11
N VAL B 7 -6.28 -14.61 4.10
CA VAL B 7 -6.38 -13.50 3.16
C VAL B 7 -5.90 -12.24 3.89
N TYR B 9 -4.72 -7.94 3.33
CA TYR B 9 -4.89 -6.72 2.52
C TYR B 9 -3.82 -5.72 2.92
N GLY B 10 -3.18 -5.11 1.94
CA GLY B 10 -2.19 -4.09 2.21
C GLY B 10 -1.45 -3.68 0.98
N ASP B 11 -0.33 -2.98 1.16
CA ASP B 11 0.51 -2.62 0.05
C ASP B 11 1.21 -3.91 -0.35
N GLU B 12 1.62 -4.01 -1.62
CA GLU B 12 2.25 -5.23 -2.08
C GLU B 12 3.47 -5.64 -1.28
N THR B 13 4.30 -4.68 -0.91
CA THR B 13 5.52 -5.02 -0.21
C THR B 13 5.23 -5.64 1.16
N GLY B 14 4.22 -5.13 1.88
CA GLY B 14 3.86 -5.66 3.21
C GLY B 14 3.30 -7.06 3.11
N VAL B 15 2.47 -7.28 2.09
CA VAL B 15 1.91 -8.60 1.85
C VAL B 15 3.05 -9.54 1.52
N GLN B 16 3.93 -9.14 0.62
CA GLN B 16 5.07 -10.00 0.26
C GLN B 16 5.99 -10.24 1.47
N GLN B 17 6.18 -9.22 2.29
CA GLN B 17 7.01 -9.33 3.51
C GLN B 17 6.44 -10.42 4.44
N THR B 18 5.13 -10.46 4.53
CA THR B 18 4.46 -11.43 5.38
C THR B 18 4.62 -12.84 4.78
N ASP B 20 7.17 -13.63 2.96
N ASP B 20 6.90 -13.98 2.89
CA ASP B 20 8.59 -13.98 3.13
CA ASP B 20 8.29 -14.39 3.10
C ASP B 20 8.83 -14.58 4.53
C ASP B 20 8.52 -14.87 4.53
N GLN B 21 8.11 -14.05 5.51
CA GLN B 21 8.29 -14.44 6.91
C GLN B 21 7.86 -15.87 7.18
N TYR B 22 6.80 -16.32 6.51
CA TYR B 22 6.28 -17.66 6.73
C TYR B 22 6.50 -18.57 5.51
N LYS B 23 7.55 -18.30 4.74
CA LYS B 23 7.78 -19.03 3.50
C LYS B 23 7.87 -20.53 3.72
N ASP B 24 8.47 -20.96 4.83
CA ASP B 24 8.60 -22.40 5.11
C ASP B 24 7.29 -23.07 5.54
N LYS B 25 6.29 -22.28 5.93
CA LYS B 25 5.02 -22.81 6.39
C LYS B 25 3.94 -22.71 5.31
N ILE B 26 4.26 -22.02 4.22
CA ILE B 26 3.32 -21.77 3.13
C ILE B 26 3.54 -22.72 1.93
N GLU B 27 2.44 -23.33 1.47
CA GLU B 27 2.48 -24.20 0.30
C GLU B 27 2.13 -23.49 -1.00
N SER B 28 1.28 -22.48 -0.92
CA SER B 28 0.95 -21.73 -2.10
C SER B 28 0.52 -20.35 -1.71
N GLN B 29 0.66 -19.42 -2.64
CA GLN B 29 0.25 -18.07 -2.38
C GLN B 29 -0.13 -17.37 -3.66
N ASN B 30 -0.99 -16.38 -3.53
CA ASN B 30 -1.46 -15.57 -4.64
C ASN B 30 -1.47 -14.12 -4.22
N LYS B 31 -1.07 -13.26 -5.12
CA LYS B 31 -1.15 -11.82 -4.89
C LYS B 31 -2.06 -11.27 -5.97
N PHE B 32 -3.20 -10.74 -5.59
CA PHE B 32 -4.17 -10.17 -6.51
C PHE B 32 -4.12 -8.65 -6.39
N GLU B 33 -3.90 -7.98 -7.51
CA GLU B 33 -3.84 -6.55 -7.51
C GLU B 33 -5.22 -5.95 -7.62
N ALA B 34 -5.42 -4.87 -6.88
CA ALA B 34 -6.64 -4.13 -6.91
C ALA B 34 -6.32 -2.66 -6.70
N LYS B 35 -7.32 -1.83 -6.90
CA LYS B 35 -7.24 -0.39 -6.63
C LYS B 35 -8.32 -0.08 -5.60
N LEU B 36 -7.97 0.77 -4.66
CA LEU B 36 -8.90 1.16 -3.60
C LEU B 36 -9.42 2.56 -3.85
N GLY B 37 -10.73 2.67 -4.11
CA GLY B 37 -11.39 3.93 -4.29
C GLY B 37 -12.46 4.13 -3.24
N THR B 38 -13.05 5.31 -3.28
CA THR B 38 -14.17 5.66 -2.43
C THR B 38 -15.24 6.15 -3.40
N VAL B 39 -16.44 5.61 -3.27
CA VAL B 39 -17.56 5.98 -4.14
C VAL B 39 -18.83 5.96 -3.29
N ASN B 40 -19.64 7.01 -3.41
CA ASN B 40 -20.86 7.13 -2.58
C ASN B 40 -20.45 7.09 -1.09
N GLU B 41 -19.28 7.66 -0.80
CA GLU B 41 -18.67 7.71 0.56
C GLU B 41 -18.41 6.33 1.21
N LYS B 42 -18.18 5.31 0.38
CA LYS B 42 -17.87 3.94 0.85
C LYS B 42 -16.58 3.47 0.16
N LYS B 43 -15.85 2.55 0.80
CA LYS B 43 -14.62 1.97 0.18
C LYS B 43 -14.99 0.91 -0.85
N VAL B 44 -14.27 0.93 -1.97
CA VAL B 44 -14.48 -0.03 -3.05
C VAL B 44 -13.13 -0.57 -3.51
N LEU B 45 -13.01 -1.89 -3.52
CA LEU B 45 -11.83 -2.58 -4.04
C LEU B 45 -12.18 -2.97 -5.46
N ILE B 46 -11.41 -2.40 -6.40
CA ILE B 46 -11.64 -2.51 -7.82
C ILE B 46 -10.59 -3.42 -8.43
N ASN B 48 -9.47 -5.85 -12.06
CA ASN B 48 -9.77 -6.09 -13.45
C ASN B 48 -10.34 -7.51 -13.62
N LYS B 49 -10.92 -7.76 -14.78
CA LYS B 49 -11.55 -9.04 -15.08
C LYS B 49 -10.57 -10.22 -14.97
N THR B 50 -9.34 -10.04 -15.46
CA THR B 50 -8.36 -11.11 -15.41
C THR B 50 -8.07 -11.49 -13.95
N THR B 51 -7.93 -10.49 -13.10
CA THR B 51 -7.67 -10.75 -11.69
C THR B 51 -8.85 -11.39 -10.99
N ALA B 52 -10.04 -10.90 -11.27
CA ALA B 52 -11.25 -11.47 -10.68
C ALA B 52 -11.40 -12.94 -11.10
N GLU B 53 -11.09 -13.26 -12.35
CA GLU B 53 -11.17 -14.66 -12.82
C GLU B 53 -10.16 -15.54 -12.06
N LYS B 54 -9.00 -14.98 -11.76
CA LYS B 54 -8.00 -15.71 -10.98
C LYS B 54 -8.50 -15.94 -9.56
N VAL B 56 -11.65 -16.32 -8.77
CA VAL B 56 -12.65 -17.39 -8.89
C VAL B 56 -11.94 -18.75 -8.98
N LYS B 57 -10.81 -18.79 -9.66
CA LYS B 57 -10.09 -20.06 -9.76
C LYS B 57 -9.57 -20.53 -8.41
N GLU B 58 -9.37 -19.60 -7.47
CA GLU B 58 -8.92 -19.93 -6.13
C GLU B 58 -10.09 -20.04 -5.17
N ASN B 59 -11.32 -19.98 -5.70
CA ASN B 59 -12.55 -20.06 -4.88
C ASN B 59 -12.59 -18.96 -3.82
N LEU B 61 -13.88 -15.61 -4.27
CA LEU B 61 -15.05 -14.73 -4.36
C LEU B 61 -16.22 -15.61 -3.97
N LYS B 62 -16.89 -15.22 -2.89
CA LYS B 62 -17.92 -16.10 -2.33
C LYS B 62 -19.23 -15.34 -2.17
N LYS B 63 -20.31 -15.95 -2.63
CA LYS B 63 -21.62 -15.40 -2.50
C LYS B 63 -22.10 -15.67 -1.08
N VAL B 64 -22.65 -14.64 -0.46
CA VAL B 64 -23.21 -14.77 0.89
C VAL B 64 -24.59 -15.40 0.82
N VAL B 65 -24.78 -16.47 1.61
CA VAL B 65 -26.05 -17.18 1.75
C VAL B 65 -26.31 -17.11 3.26
N LYS B 66 -26.98 -16.03 3.68
N LYS B 66 -26.95 -16.04 3.72
CA LYS B 66 -27.25 -15.73 5.08
CA LYS B 66 -27.21 -15.85 5.16
C LYS B 66 -25.95 -15.60 5.86
C LYS B 66 -25.91 -15.89 5.97
N GLU B 67 -25.64 -16.59 6.69
N GLU B 67 -25.72 -16.89 6.84
CA GLU B 67 -24.41 -16.55 7.48
CA GLU B 67 -24.49 -16.94 7.64
C GLU B 67 -23.26 -17.27 6.77
C GLU B 67 -23.43 -17.82 7.03
N ASP B 68 -23.61 -18.18 5.89
N ASP B 68 -23.67 -18.29 5.81
CA ASP B 68 -22.61 -18.97 5.19
CA ASP B 68 -22.68 -19.10 5.12
C ASP B 68 -22.20 -18.34 3.87
C ASP B 68 -22.31 -18.47 3.79
N VAL B 69 -21.21 -18.94 3.23
CA VAL B 69 -20.72 -18.47 1.95
C VAL B 69 -20.50 -19.66 1.04
N GLU B 70 -20.53 -19.39 -0.27
N GLU B 70 -20.53 -19.42 -0.27
CA GLU B 70 -20.34 -20.42 -1.30
CA GLU B 70 -20.25 -20.46 -1.22
C GLU B 70 -19.53 -19.81 -2.44
C GLU B 70 -19.48 -19.81 -2.36
N PRO B 71 -18.32 -20.38 -2.74
CA PRO B 71 -17.55 -19.80 -3.84
C PRO B 71 -18.35 -19.75 -5.13
N ILE B 72 -18.31 -18.62 -5.83
CA ILE B 72 -19.00 -18.53 -7.11
C ILE B 72 -18.21 -19.37 -8.11
N LYS B 73 -18.97 -19.89 -9.05
N LYS B 73 -18.90 -19.95 -9.08
CA LYS B 73 -18.48 -20.77 -10.09
CA LYS B 73 -18.20 -20.79 -10.07
C LYS B 73 -17.81 -19.99 -11.20
C LYS B 73 -17.79 -20.00 -11.29
N ALA B 74 -18.38 -18.82 -11.48
CA ALA B 74 -17.96 -17.94 -12.55
C ALA B 74 -18.41 -16.53 -12.24
N LEU B 75 -17.74 -15.55 -12.82
CA LEU B 75 -18.15 -14.18 -12.69
C LEU B 75 -19.38 -13.90 -13.54
N PRO B 76 -20.19 -12.91 -13.12
CA PRO B 76 -21.23 -12.42 -14.00
C PRO B 76 -20.54 -11.86 -15.24
N ALA B 77 -21.25 -11.77 -16.36
CA ALA B 77 -20.67 -11.15 -17.53
C ALA B 77 -20.34 -9.68 -17.18
N ILE B 78 -19.30 -9.14 -17.80
CA ILE B 78 -18.81 -7.80 -17.51
C ILE B 78 -18.66 -7.01 -18.79
N SER B 79 -19.35 -5.88 -18.87
CA SER B 79 -19.28 -5.02 -20.05
C SER B 79 -17.90 -4.44 -20.19
N ASP B 80 -17.41 -4.38 -21.44
CA ASP B 80 -16.12 -3.78 -21.71
C ASP B 80 -16.14 -2.28 -21.43
N GLU B 81 -17.33 -1.68 -21.44
CA GLU B 81 -17.43 -0.24 -21.23
C GLU B 81 -17.75 0.15 -19.79
N ALA B 82 -18.27 -0.78 -18.99
CA ALA B 82 -18.65 -0.47 -17.62
C ALA B 82 -18.04 -1.45 -16.62
N GLY B 83 -18.88 -2.20 -15.90
CA GLY B 83 -18.39 -3.17 -14.94
C GLY B 83 -19.46 -3.55 -13.98
N ILE B 84 -19.07 -4.31 -12.97
CA ILE B 84 -20.02 -4.81 -11.97
C ILE B 84 -19.57 -4.42 -10.58
N VAL B 85 -20.52 -4.37 -9.65
CA VAL B 85 -20.22 -4.04 -8.27
C VAL B 85 -20.95 -5.04 -7.38
N PHE B 86 -20.24 -5.45 -6.35
CA PHE B 86 -20.75 -6.33 -5.32
C PHE B 86 -20.81 -5.52 -4.02
N ALA B 87 -21.90 -5.67 -3.27
CA ALA B 87 -22.08 -4.97 -2.01
C ALA B 87 -23.15 -5.68 -1.18
N LYS B 88 -23.19 -5.35 0.11
N LYS B 88 -23.19 -5.37 0.11
CA LYS B 88 -24.17 -5.95 1.02
CA LYS B 88 -24.18 -5.96 1.00
C LYS B 88 -25.59 -5.60 0.61
C LYS B 88 -25.59 -5.61 0.55
N GLU B 89 -25.84 -4.33 0.31
CA GLU B 89 -27.15 -3.86 -0.09
C GLU B 89 -27.22 -3.56 -1.58
N GLU B 90 -28.46 -3.55 -2.07
CA GLU B 90 -28.75 -3.23 -3.47
C GLU B 90 -28.17 -1.86 -3.78
N GLN B 91 -27.57 -1.77 -4.96
CA GLN B 91 -27.00 -0.52 -5.45
C GLN B 91 -27.75 -0.15 -6.72
N LYS B 92 -27.96 1.14 -6.91
CA LYS B 92 -28.66 1.64 -8.07
C LYS B 92 -27.73 2.44 -8.98
N ASP B 93 -26.89 3.29 -8.39
CA ASP B 93 -26.04 4.16 -9.19
C ASP B 93 -24.60 4.29 -8.66
N VAL B 94 -23.82 3.25 -8.84
CA VAL B 94 -22.43 3.29 -8.42
C VAL B 94 -21.64 3.66 -9.67
N VAL B 95 -20.96 4.79 -9.62
CA VAL B 95 -20.16 5.22 -10.77
C VAL B 95 -18.70 5.26 -10.39
N ILE B 96 -17.87 4.55 -11.16
CA ILE B 96 -16.44 4.51 -10.90
C ILE B 96 -15.71 5.00 -12.13
N ASP B 97 -14.91 6.05 -11.96
CA ASP B 97 -14.14 6.64 -13.03
C ASP B 97 -15.02 6.94 -14.25
N GLY B 98 -16.22 7.47 -14.00
CA GLY B 98 -17.17 7.80 -15.07
C GLY B 98 -18.03 6.68 -15.64
N LYS B 99 -17.78 5.45 -15.19
N LYS B 99 -17.80 5.45 -15.20
CA LYS B 99 -18.52 4.26 -15.63
CA LYS B 99 -18.56 4.31 -15.70
C LYS B 99 -19.56 3.82 -14.62
C LYS B 99 -19.54 3.77 -14.65
N LYS B 100 -20.76 3.50 -15.09
CA LYS B 100 -21.83 3.02 -14.21
C LYS B 100 -21.64 1.53 -14.00
N LYS B 102 -22.88 -2.20 -12.73
N LYS B 102 -22.91 -2.19 -12.74
CA LYS B 102 -24.08 -3.03 -12.60
CA LYS B 102 -24.14 -2.97 -12.61
C LYS B 102 -24.01 -3.78 -11.27
C LYS B 102 -24.05 -3.81 -11.34
N TYR B 103 -25.04 -3.67 -10.45
CA TYR B 103 -25.05 -4.39 -9.18
C TYR B 103 -25.27 -5.89 -9.41
N GLU B 104 -24.38 -6.70 -8.85
CA GLU B 104 -24.41 -8.14 -9.03
C GLU B 104 -24.43 -8.91 -7.72
N GLY B 105 -24.96 -8.27 -6.69
CA GLY B 105 -25.22 -8.96 -5.44
C GLY B 105 -24.17 -8.91 -4.36
N ASN B 106 -24.42 -9.71 -3.35
CA ASN B 106 -23.57 -9.72 -2.17
C ASN B 106 -22.56 -10.85 -2.21
N VAL B 107 -21.43 -10.54 -2.84
CA VAL B 107 -20.30 -11.42 -2.96
C VAL B 107 -19.15 -10.74 -2.22
N VAL B 108 -18.37 -11.51 -1.48
CA VAL B 108 -17.26 -11.01 -0.71
C VAL B 108 -16.00 -11.79 -1.08
N ILE B 109 -14.85 -11.23 -0.70
CA ILE B 109 -13.59 -11.95 -0.74
C ILE B 109 -13.44 -12.70 0.57
N GLY B 110 -13.18 -13.99 0.48
CA GLY B 110 -13.05 -14.79 1.67
C GLY B 110 -14.39 -15.19 2.26
N ASP B 111 -14.41 -15.40 3.57
CA ASP B 111 -15.58 -15.92 4.22
C ASP B 111 -16.50 -14.86 4.84
N ALA B 112 -16.07 -13.61 4.78
CA ALA B 112 -16.82 -12.48 5.31
C ALA B 112 -16.17 -11.21 4.79
N ARG B 113 -16.92 -10.10 4.81
CA ARG B 113 -16.45 -8.82 4.33
C ARG B 113 -15.38 -8.24 5.27
N LYS B 114 -14.24 -7.96 4.68
CA LYS B 114 -13.11 -7.33 5.36
C LYS B 114 -12.52 -6.26 4.50
N TYR B 115 -12.01 -5.23 5.18
CA TYR B 115 -11.21 -4.13 4.59
C TYR B 115 -12.00 -3.10 3.81
N THR B 116 -12.85 -3.56 2.92
CA THR B 116 -13.63 -2.70 2.07
C THR B 116 -15.12 -2.79 2.32
N ASP B 117 -15.87 -1.89 1.73
CA ASP B 117 -17.35 -1.97 1.81
C ASP B 117 -17.93 -2.67 0.57
N TYR B 119 -16.99 -4.16 -3.70
CA TYR B 119 -15.99 -4.74 -4.59
C TYR B 119 -16.48 -4.47 -6.01
N ALA B 120 -15.58 -4.17 -6.94
CA ALA B 120 -15.97 -3.93 -8.31
C ALA B 120 -15.04 -4.67 -9.26
N VAL B 121 -15.56 -5.01 -10.42
CA VAL B 121 -14.78 -5.65 -11.46
C VAL B 121 -15.04 -4.89 -12.76
N VAL B 122 -13.95 -4.49 -13.41
CA VAL B 122 -14.00 -3.79 -14.69
C VAL B 122 -13.12 -4.49 -15.69
N SER B 123 -13.27 -4.16 -16.98
CA SER B 123 -12.39 -4.79 -17.96
C SER B 123 -10.95 -4.39 -17.72
N ASP B 124 -10.02 -5.22 -18.20
CA ASP B 124 -8.61 -4.91 -18.04
C ASP B 124 -8.24 -3.54 -18.65
N ALA B 125 -8.80 -3.22 -19.81
CA ALA B 125 -8.44 -1.96 -20.47
C ALA B 125 -8.92 -0.77 -19.67
N GLU B 126 -10.10 -0.89 -19.07
CA GLU B 126 -10.62 0.21 -18.29
C GLU B 126 -9.92 0.32 -16.94
N TYR B 127 -9.58 -0.80 -16.34
CA TYR B 127 -8.86 -0.80 -15.08
C TYR B 127 -7.55 -0.03 -15.21
N ALA B 128 -6.89 -0.15 -16.35
CA ALA B 128 -5.62 0.52 -16.58
C ALA B 128 -5.72 2.05 -16.54
N LYS B 129 -6.94 2.58 -16.74
N LYS B 129 -6.92 2.60 -16.75
CA LYS B 129 -7.20 4.03 -16.74
CA LYS B 129 -7.15 4.04 -16.74
C LYS B 129 -7.53 4.61 -15.39
C LYS B 129 -7.66 4.61 -15.43
N ILE B 130 -7.94 3.74 -14.46
CA ILE B 130 -8.43 4.21 -13.18
C ILE B 130 -7.35 4.77 -12.28
N SER B 131 -7.50 6.06 -11.96
CA SER B 131 -6.56 6.77 -11.10
C SER B 131 -6.94 6.63 -9.63
N GLU B 132 -6.65 5.44 -9.08
CA GLU B 132 -6.82 5.16 -7.65
C GLU B 132 -5.61 4.34 -7.21
N PRO B 133 -5.25 4.47 -5.93
CA PRO B 133 -4.06 3.79 -5.43
C PRO B 133 -4.19 2.27 -5.45
N VAL B 134 -3.11 1.59 -5.73
CA VAL B 134 -3.13 0.15 -5.81
C VAL B 134 -2.95 -0.48 -4.43
N LYS B 135 -3.53 -1.67 -4.29
CA LYS B 135 -3.44 -2.44 -3.09
C LYS B 135 -3.31 -3.88 -3.51
N THR B 136 -2.84 -4.72 -2.62
CA THR B 136 -2.73 -6.14 -2.87
C THR B 136 -3.62 -6.91 -1.93
N ILE B 137 -4.30 -7.92 -2.47
CA ILE B 137 -5.08 -8.86 -1.72
C ILE B 137 -4.25 -10.14 -1.83
N GLY B 138 -3.72 -10.55 -0.71
CA GLY B 138 -2.88 -11.76 -0.65
C GLY B 138 -3.62 -12.94 -0.11
N LEU B 139 -3.40 -14.11 -0.69
CA LEU B 139 -3.95 -15.37 -0.20
C LEU B 139 -2.77 -16.28 0.04
N ALA B 140 -2.62 -16.81 1.26
CA ALA B 140 -1.57 -17.77 1.58
C ALA B 140 -2.24 -19.01 2.10
N SER B 141 -1.84 -20.14 1.56
N SER B 141 -1.86 -20.15 1.56
CA SER B 141 -2.34 -21.43 1.97
CA SER B 141 -2.38 -21.43 1.99
C SER B 141 -1.22 -22.10 2.75
C SER B 141 -1.24 -22.12 2.74
N PHE B 142 -1.51 -22.52 3.98
CA PHE B 142 -0.49 -23.11 4.84
C PHE B 142 -0.52 -24.63 4.91
N LYS B 143 0.64 -25.22 5.12
CA LYS B 143 0.80 -26.67 5.23
C LYS B 143 0.00 -27.21 6.40
N GLU B 144 -0.03 -26.43 7.48
CA GLU B 144 -0.80 -26.78 8.66
C GLU B 144 -1.60 -25.54 9.10
N ASN B 145 -2.65 -25.78 9.88
CA ASN B 145 -3.52 -24.73 10.33
C ASN B 145 -2.73 -23.61 11.04
N PRO B 146 -2.91 -22.35 10.58
CA PRO B 146 -2.16 -21.23 11.15
C PRO B 146 -2.90 -20.46 12.25
N LYS B 147 -4.01 -21.00 12.73
CA LYS B 147 -4.81 -20.36 13.78
C LYS B 147 -4.07 -20.09 15.10
N GLU B 148 -3.23 -21.01 15.54
CA GLU B 148 -2.56 -20.90 16.84
C GLU B 148 -1.64 -19.71 17.07
N LYS B 149 -0.71 -19.48 16.14
CA LYS B 149 0.31 -18.45 16.33
C LYS B 149 0.53 -17.54 15.13
N ILE B 150 0.54 -18.12 13.94
CA ILE B 150 0.77 -17.36 12.73
C ILE B 150 -0.29 -16.31 12.49
N PHE B 151 -1.56 -16.72 12.49
CA PHE B 151 -2.61 -15.75 12.22
C PHE B 151 -2.62 -14.65 13.30
N PRO B 152 -2.54 -15.01 14.59
CA PRO B 152 -2.55 -13.91 15.58
C PRO B 152 -1.39 -12.93 15.43
N ASP B 153 -0.22 -13.46 15.07
CA ASP B 153 0.96 -12.63 14.84
C ASP B 153 0.74 -11.67 13.68
N ILE B 154 0.14 -12.15 12.60
CA ILE B 154 -0.16 -11.29 11.45
C ILE B 154 -1.17 -10.19 11.81
N LYS B 155 -2.18 -10.57 12.56
CA LYS B 155 -3.23 -9.63 12.99
C LYS B 155 -2.76 -8.51 13.89
N ARG B 156 -1.95 -8.85 14.87
CA ARG B 156 -1.41 -7.82 15.75
C ARG B 156 -0.37 -7.00 15.04
N GLY B 157 0.32 -7.61 14.07
CA GLY B 157 1.37 -6.93 13.33
C GLY B 157 0.83 -5.80 12.48
N SER B 158 1.74 -4.96 12.02
CA SER B 158 1.39 -3.83 11.16
C SER B 158 1.94 -4.01 9.76
N LYS B 159 2.36 -5.23 9.40
CA LYS B 159 2.88 -5.48 8.07
C LYS B 159 1.77 -5.41 7.01
N VAL B 160 0.58 -5.88 7.37
CA VAL B 160 -0.59 -5.77 6.50
C VAL B 160 -1.68 -5.01 7.25
N GLU B 161 -2.62 -4.46 6.51
CA GLU B 161 -3.65 -3.61 7.11
C GLU B 161 -4.75 -4.41 7.72
N GLU B 162 -5.04 -5.56 7.14
CA GLU B 162 -6.15 -6.40 7.59
C GLU B 162 -5.90 -7.84 7.16
N ALA B 163 -6.51 -8.78 7.86
CA ALA B 163 -6.35 -10.20 7.53
C ALA B 163 -7.49 -11.01 8.15
N HIS B 164 -7.80 -12.14 7.53
CA HIS B 164 -8.79 -13.06 8.03
C HIS B 164 -8.49 -14.48 7.54
N VAL B 166 -9.52 -18.06 6.05
CA VAL B 166 -10.48 -18.45 5.02
C VAL B 166 -10.37 -19.93 4.73
N GLU B 167 -11.48 -20.51 4.28
CA GLU B 167 -11.48 -21.86 3.76
C GLU B 167 -10.94 -21.83 2.32
N VAL B 168 -9.88 -22.61 2.09
CA VAL B 168 -9.26 -22.66 0.76
C VAL B 168 -9.82 -23.82 -0.06
N LYS B 169 -9.54 -23.81 -1.35
CA LYS B 169 -10.08 -24.83 -2.25
C LYS B 169 -9.56 -26.24 -1.93
#